data_2IV9
#
_entry.id   2IV9
#
_cell.length_a   58.498
_cell.length_b   72.180
_cell.length_c   116.431
_cell.angle_alpha   90.00
_cell.angle_beta   90.00
_cell.angle_gamma   90.00
#
_symmetry.space_group_name_H-M   'P 21 21 21'
#
loop_
_entity.id
_entity.type
_entity.pdbx_description
1 polymer 'AP-2 COMPLEX SUBUNIT BETA-2'
2 polymer 'EPIDERMAL GROWTH FACTOR RECEPTOR SUBSTRATE 15 ISOFORM B'
3 non-polymer 'SULFATE ION'
4 water water
#
loop_
_entity_poly.entity_id
_entity_poly.type
_entity_poly.pdbx_seq_one_letter_code
_entity_poly.pdbx_strand_id
1 'polypeptide(L)'
;IGMAPGGYVAPKAVWLPAVKAKGLEISGTFTHRQGHIYMEMNFTNKALQHMTDFAIQFNKNSFGVIPSTPLAIHTPLMPN
QSIDVSLPLNTLGPVMKMEPLNNLQVAVKNNIDVFYFSCLIPLNVLFVEDGKMERQVFLATWKDIPNENELQFQIKECHL
NADTVSSKLQNNNVYTIAKRNVEGQDMLYQSLKLTNGIWILAELRIQPGNPNYTLSLKCRAPEVSQYIYQVYDSILKN
;
A,B
2 'polypeptide(L)' SFGDGFADFSTL P
#
loop_
_chem_comp.id
_chem_comp.type
_chem_comp.name
_chem_comp.formula
SO4 non-polymer 'SULFATE ION' 'O4 S -2'
#
# COMPACT_ATOMS: atom_id res chain seq x y z
N MET A 3 -22.12 21.33 9.54
CA MET A 3 -22.14 20.90 8.12
C MET A 3 -21.60 21.99 7.22
N ALA A 4 -20.74 21.61 6.28
CA ALA A 4 -20.06 22.57 5.40
C ALA A 4 -20.08 22.11 3.94
N PRO A 5 -20.11 23.06 2.98
CA PRO A 5 -19.96 22.68 1.57
C PRO A 5 -18.62 21.97 1.37
N GLY A 6 -18.65 20.89 0.60
CA GLY A 6 -17.53 19.96 0.54
C GLY A 6 -17.85 18.73 1.36
N GLY A 7 -18.51 18.93 2.50
CA GLY A 7 -18.96 17.84 3.34
C GLY A 7 -18.13 17.63 4.59
N TYR A 8 -18.17 16.41 5.11
CA TYR A 8 -17.50 16.08 6.36
C TYR A 8 -15.99 15.93 6.20
N VAL A 9 -15.26 16.74 6.97
CA VAL A 9 -13.81 16.65 7.06
C VAL A 9 -13.46 16.18 8.46
N ALA A 10 -12.70 15.08 8.54
CA ALA A 10 -12.21 14.60 9.83
C ALA A 10 -11.12 15.53 10.34
N PRO A 11 -11.03 15.70 11.69
CA PRO A 11 -9.90 16.47 12.22
C PRO A 11 -8.56 15.84 11.84
N LYS A 12 -7.51 16.66 11.79
CA LYS A 12 -6.17 16.18 11.51
C LYS A 12 -5.76 15.17 12.59
N ALA A 13 -5.14 14.09 12.15
CA ALA A 13 -4.52 13.10 13.04
C ALA A 13 -3.02 13.10 12.75
N VAL A 14 -2.20 12.82 13.76
CA VAL A 14 -0.75 12.70 13.56
C VAL A 14 -0.49 11.47 12.68
N TRP A 15 0.14 11.70 11.53
CA TRP A 15 0.46 10.64 10.58
C TRP A 15 1.92 10.21 10.72
N LEU A 16 2.80 11.17 10.98
CA LEU A 16 4.22 10.91 11.21
C LEU A 16 4.66 11.67 12.47
N PRO A 17 4.87 10.94 13.58
CA PRO A 17 5.32 11.56 14.84
C PRO A 17 6.79 12.03 14.73
N ALA A 18 7.11 13.17 15.32
CA ALA A 18 8.48 13.72 15.30
C ALA A 18 9.50 12.68 15.74
N VAL A 19 9.07 11.83 16.66
CA VAL A 19 9.88 10.76 17.24
C VAL A 19 10.32 9.73 16.19
N LYS A 20 9.48 9.48 15.19
CA LYS A 20 9.81 8.50 14.16
C LYS A 20 10.51 9.11 12.95
N ALA A 21 10.66 10.44 12.93
CA ALA A 21 11.18 11.13 11.74
C ALA A 21 12.21 12.21 12.05
N LYS A 22 13.00 11.96 13.10
CA LYS A 22 14.11 12.83 13.46
C LYS A 22 13.67 14.29 13.60
N GLY A 23 12.51 14.50 14.22
CA GLY A 23 12.02 15.85 14.49
C GLY A 23 10.90 16.34 13.60
N LEU A 24 10.73 15.71 12.42
CA LEU A 24 9.64 16.10 11.53
C LEU A 24 8.33 15.48 11.99
N GLU A 25 7.34 16.33 12.29
CA GLU A 25 5.99 15.87 12.62
C GLU A 25 4.99 16.26 11.53
N ILE A 26 4.26 15.28 11.02
CA ILE A 26 3.21 15.54 10.03
C ILE A 26 1.86 15.06 10.52
N SER A 27 0.89 15.97 10.53
CA SER A 27 -0.50 15.64 10.82
CA SER A 27 -0.50 15.62 10.80
C SER A 27 -1.34 15.98 9.59
N GLY A 28 -2.43 15.25 9.39
CA GLY A 28 -3.20 15.45 8.18
C GLY A 28 -4.63 15.00 8.19
N THR A 29 -5.32 15.40 7.11
CA THR A 29 -6.67 14.99 6.84
C THR A 29 -6.89 15.10 5.31
N PHE A 30 -8.06 14.72 4.83
CA PHE A 30 -8.37 14.83 3.40
C PHE A 30 -9.63 15.67 3.26
N THR A 31 -9.71 16.45 2.19
CA THR A 31 -10.92 17.21 1.85
C THR A 31 -11.32 16.99 0.39
N HIS A 32 -12.58 17.31 0.09
CA HIS A 32 -13.11 17.33 -1.28
C HIS A 32 -13.90 18.63 -1.39
N ARG A 33 -13.33 19.60 -2.10
CA ARG A 33 -13.90 20.95 -2.19
C ARG A 33 -13.98 21.40 -3.64
N GLN A 34 -15.21 21.61 -4.12
CA GLN A 34 -15.49 22.16 -5.46
C GLN A 34 -14.83 21.36 -6.60
N GLY A 35 -15.02 20.05 -6.58
CA GLY A 35 -14.40 19.15 -7.56
C GLY A 35 -13.06 18.55 -7.12
N HIS A 36 -12.24 19.34 -6.43
CA HIS A 36 -10.85 18.95 -6.15
C HIS A 36 -10.68 18.23 -4.81
N ILE A 37 -9.80 17.23 -4.83
CA ILE A 37 -9.40 16.49 -3.63
C ILE A 37 -8.07 17.04 -3.14
N TYR A 38 -7.94 17.18 -1.82
CA TYR A 38 -6.71 17.66 -1.20
C TYR A 38 -6.32 16.81 -0.01
N MET A 39 -5.01 16.66 0.15
CA MET A 39 -4.39 16.20 1.37
C MET A 39 -3.93 17.47 2.11
N GLU A 40 -4.62 17.78 3.20
CA GLU A 40 -4.36 18.97 4.02
CA GLU A 40 -4.33 18.98 3.98
C GLU A 40 -3.49 18.58 5.19
N MET A 41 -2.27 19.11 5.21
CA MET A 41 -1.26 18.68 6.16
C MET A 41 -0.72 19.84 6.95
N ASN A 42 -0.17 19.51 8.10
CA ASN A 42 0.61 20.45 8.88
C ASN A 42 1.96 19.79 9.11
N PHE A 43 3.03 20.48 8.72
CA PHE A 43 4.39 20.02 8.94
C PHE A 43 4.96 20.81 10.10
N THR A 44 5.47 20.12 11.12
CA THR A 44 6.11 20.81 12.23
C THR A 44 7.53 20.31 12.43
N ASN A 45 8.46 21.26 12.50
CA ASN A 45 9.86 20.96 12.74
C ASN A 45 10.16 21.01 14.25
N LYS A 46 10.34 19.83 14.85
CA LYS A 46 10.68 19.73 16.27
C LYS A 46 12.15 19.42 16.51
N ALA A 47 12.98 19.63 15.48
CA ALA A 47 14.43 19.50 15.62
C ALA A 47 15.08 20.86 15.91
N LEU A 48 16.39 20.83 16.11
CA LEU A 48 17.15 22.05 16.44
C LEU A 48 17.80 22.66 15.19
N GLN A 49 17.70 21.94 14.07
CA GLN A 49 18.20 22.39 12.77
C GLN A 49 17.03 22.56 11.79
N HIS A 50 17.18 23.50 10.85
CA HIS A 50 16.12 23.79 9.89
C HIS A 50 15.99 22.69 8.82
N MET A 51 14.84 22.70 8.15
CA MET A 51 14.49 21.65 7.21
C MET A 51 14.20 22.24 5.86
N THR A 52 14.69 21.57 4.81
CA THR A 52 14.52 22.02 3.43
C THR A 52 14.36 20.81 2.52
N ASP A 53 14.26 21.08 1.21
CA ASP A 53 14.25 20.06 0.15
C ASP A 53 13.11 19.04 0.33
N PHE A 54 11.93 19.54 0.65
CA PHE A 54 10.78 18.70 0.89
C PHE A 54 10.21 18.15 -0.41
N ALA A 55 9.83 16.87 -0.37
CA ALA A 55 9.18 16.19 -1.48
C ALA A 55 8.33 15.03 -0.96
N ILE A 56 7.31 14.68 -1.72
CA ILE A 56 6.37 13.64 -1.35
C ILE A 56 6.14 12.72 -2.54
N GLN A 57 5.91 11.44 -2.23
CA GLN A 57 5.40 10.47 -3.18
C GLN A 57 4.45 9.48 -2.50
N PHE A 58 3.49 9.00 -3.26
CA PHE A 58 2.55 7.97 -2.79
C PHE A 58 2.85 6.65 -3.45
N ASN A 59 2.75 5.56 -2.68
CA ASN A 59 2.73 4.25 -3.31
C ASN A 59 1.47 4.06 -4.14
N LYS A 60 1.53 3.21 -5.17
CA LYS A 60 0.33 2.76 -5.89
C LYS A 60 -0.72 2.34 -4.86
N ASN A 61 -1.99 2.57 -5.17
CA ASN A 61 -3.05 2.39 -4.18
C ASN A 61 -4.38 2.05 -4.85
N SER A 62 -5.40 1.72 -4.07
CA SER A 62 -6.59 1.07 -4.62
C SER A 62 -7.36 1.93 -5.60
N PHE A 63 -7.38 3.24 -5.33
CA PHE A 63 -8.15 4.17 -6.14
C PHE A 63 -7.28 5.09 -7.05
N GLY A 64 -6.00 4.75 -7.19
CA GLY A 64 -5.06 5.50 -8.08
C GLY A 64 -4.82 6.92 -7.63
N VAL A 65 -4.88 7.14 -6.33
CA VAL A 65 -4.65 8.48 -5.79
C VAL A 65 -3.16 8.84 -5.91
N ILE A 66 -2.88 10.10 -6.29
CA ILE A 66 -1.52 10.59 -6.53
C ILE A 66 -1.55 12.13 -6.43
N PRO A 67 -0.47 12.78 -5.92
CA PRO A 67 -0.45 14.24 -5.96
C PRO A 67 -0.46 14.78 -7.40
N SER A 68 -1.08 15.95 -7.55
CA SER A 68 -1.20 16.62 -8.85
C SER A 68 -0.01 17.56 -9.10
N THR A 69 0.70 17.90 -8.03
CA THR A 69 1.86 18.80 -8.09
C THR A 69 2.90 18.38 -7.07
N PRO A 70 4.16 18.83 -7.27
CA PRO A 70 5.18 18.63 -6.27
C PRO A 70 4.85 19.42 -5.03
N LEU A 71 5.36 18.96 -3.90
CA LEU A 71 5.33 19.73 -2.69
C LEU A 71 6.24 20.93 -2.94
N ALA A 72 5.71 22.13 -2.75
CA ALA A 72 6.49 23.34 -2.98
C ALA A 72 6.54 24.19 -1.72
N ILE A 73 7.54 23.90 -0.89
CA ILE A 73 7.81 24.69 0.29
C ILE A 73 9.11 25.44 -0.02
N HIS A 74 8.96 26.69 -0.43
CA HIS A 74 10.09 27.46 -0.94
C HIS A 74 10.89 28.19 0.14
N THR A 75 10.40 28.13 1.38
CA THR A 75 11.12 28.70 2.53
C THR A 75 11.55 27.56 3.46
N PRO A 76 12.79 27.61 3.99
CA PRO A 76 13.21 26.68 5.03
C PRO A 76 12.27 26.64 6.23
N LEU A 77 11.99 25.42 6.70
CA LEU A 77 11.18 25.22 7.90
C LEU A 77 12.08 25.29 9.14
N MET A 78 11.99 26.41 9.86
CA MET A 78 12.85 26.65 11.02
C MET A 78 12.48 25.77 12.21
N PRO A 79 13.44 25.57 13.16
CA PRO A 79 13.13 24.86 14.39
C PRO A 79 11.89 25.42 15.09
N ASN A 80 10.99 24.52 15.49
CA ASN A 80 9.74 24.85 16.17
C ASN A 80 8.70 25.54 15.31
N GLN A 81 9.01 25.71 14.02
CA GLN A 81 8.06 26.29 13.05
C GLN A 81 7.04 25.25 12.59
N SER A 82 5.84 25.73 12.26
CA SER A 82 4.76 24.89 11.78
C SER A 82 4.14 25.54 10.52
N ILE A 83 3.96 24.74 9.47
CA ILE A 83 3.33 25.25 8.25
C ILE A 83 2.13 24.39 7.81
N ASP A 84 1.09 25.05 7.31
CA ASP A 84 -0.05 24.37 6.70
C ASP A 84 0.21 24.18 5.21
N VAL A 85 0.05 22.94 4.73
CA VAL A 85 0.30 22.59 3.33
C VAL A 85 -0.95 21.94 2.75
N SER A 86 -1.42 22.47 1.63
CA SER A 86 -2.57 21.93 0.91
C SER A 86 -2.09 21.26 -0.38
N LEU A 87 -2.15 19.94 -0.43
CA LEU A 87 -1.60 19.20 -1.57
C LEU A 87 -2.73 18.67 -2.44
N PRO A 88 -2.88 19.21 -3.68
CA PRO A 88 -3.98 18.74 -4.52
C PRO A 88 -3.69 17.35 -5.06
N LEU A 89 -4.72 16.51 -5.15
CA LEU A 89 -4.60 15.13 -5.55
C LEU A 89 -5.54 14.87 -6.72
N ASN A 90 -5.26 13.83 -7.47
CA ASN A 90 -6.17 13.32 -8.50
C ASN A 90 -6.20 11.79 -8.43
N THR A 91 -7.08 11.17 -9.18
CA THR A 91 -7.24 9.72 -9.12
C THR A 91 -6.85 9.01 -10.40
N LEU A 92 -5.97 9.65 -11.18
CA LEU A 92 -5.48 9.07 -12.43
C LEU A 92 -4.12 8.37 -12.32
N GLY A 93 -3.66 8.12 -11.09
CA GLY A 93 -2.38 7.47 -10.85
C GLY A 93 -2.41 5.94 -10.88
N PRO A 94 -1.23 5.31 -10.74
CA PRO A 94 -1.16 3.84 -10.79
C PRO A 94 -1.98 3.17 -9.67
N VAL A 95 -2.51 2.00 -9.99
CA VAL A 95 -3.45 1.32 -9.13
C VAL A 95 -2.82 0.03 -8.61
N MET A 96 -2.90 -0.18 -7.31
CA MET A 96 -2.54 -1.45 -6.70
C MET A 96 -3.46 -1.67 -5.50
N LYS A 97 -4.05 -2.87 -5.42
CA LYS A 97 -4.96 -3.17 -4.30
C LYS A 97 -4.27 -3.06 -2.94
N MET A 98 -4.82 -2.22 -2.05
CA MET A 98 -4.26 -2.07 -0.71
C MET A 98 -5.00 -2.88 0.36
N GLU A 99 -4.36 -3.06 1.51
CA GLU A 99 -4.95 -3.79 2.62
C GLU A 99 -4.59 -3.01 3.89
N PRO A 100 -5.58 -2.36 4.52
CA PRO A 100 -7.00 -2.27 4.18
C PRO A 100 -7.20 -1.55 2.85
N LEU A 101 -8.41 -1.67 2.29
CA LEU A 101 -8.70 -1.15 0.95
C LEU A 101 -8.36 0.34 0.79
N ASN A 102 -8.60 1.12 1.85
CA ASN A 102 -8.37 2.56 1.81
C ASN A 102 -6.99 3.01 2.35
N ASN A 103 -6.05 2.07 2.50
CA ASN A 103 -4.70 2.42 2.96
C ASN A 103 -3.97 3.25 1.89
N LEU A 104 -3.22 4.24 2.35
CA LEU A 104 -2.36 5.06 1.49
C LEU A 104 -0.98 5.13 2.11
N GLN A 105 0.01 4.64 1.37
CA GLN A 105 1.39 4.66 1.80
C GLN A 105 2.13 5.83 1.20
N VAL A 106 2.81 6.59 2.06
CA VAL A 106 3.38 7.86 1.68
C VAL A 106 4.85 7.89 2.07
N ALA A 107 5.69 8.43 1.20
CA ALA A 107 7.09 8.68 1.48
C ALA A 107 7.30 10.17 1.47
N VAL A 108 7.98 10.67 2.50
CA VAL A 108 8.29 12.10 2.60
CA VAL A 108 8.29 12.09 2.58
C VAL A 108 9.79 12.25 2.82
N LYS A 109 10.42 13.07 1.98
CA LYS A 109 11.84 13.36 2.03
C LYS A 109 12.09 14.80 2.48
N ASN A 110 13.07 15.01 3.35
CA ASN A 110 13.63 16.35 3.54
C ASN A 110 15.15 16.30 3.34
N ASN A 111 15.86 17.28 3.86
CA ASN A 111 17.32 17.30 3.77
C ASN A 111 18.00 16.28 4.68
N ILE A 112 17.25 15.75 5.63
CA ILE A 112 17.79 14.79 6.57
C ILE A 112 17.68 13.34 6.08
N ASP A 113 16.47 12.89 5.76
CA ASP A 113 16.28 11.49 5.33
C ASP A 113 14.96 11.31 4.55
N VAL A 114 14.65 10.07 4.22
CA VAL A 114 13.38 9.70 3.63
C VAL A 114 12.64 8.95 4.73
N PHE A 115 11.41 9.37 4.98
CA PHE A 115 10.56 8.82 6.03
C PHE A 115 9.27 8.28 5.42
N TYR A 116 8.70 7.23 6.01
CA TYR A 116 7.52 6.59 5.47
C TYR A 116 6.41 6.58 6.50
N PHE A 117 5.16 6.69 6.04
CA PHE A 117 4.02 6.49 6.90
C PHE A 117 2.83 6.03 6.08
N SER A 118 1.78 5.62 6.76
CA SER A 118 0.54 5.33 6.08
C SER A 118 -0.58 6.07 6.78
N CYS A 119 -1.66 6.26 6.03
CA CYS A 119 -2.86 6.83 6.58
C CYS A 119 -4.05 6.24 5.82
N LEU A 120 -5.25 6.43 6.34
CA LEU A 120 -6.43 5.84 5.72
C LEU A 120 -7.26 6.91 5.05
N ILE A 121 -7.57 6.72 3.77
CA ILE A 121 -8.38 7.67 3.03
C ILE A 121 -9.84 7.44 3.37
N PRO A 122 -10.52 8.46 3.91
CA PRO A 122 -11.96 8.29 4.15
C PRO A 122 -12.67 8.32 2.79
N LEU A 123 -13.50 7.31 2.51
CA LEU A 123 -13.98 7.16 1.13
C LEU A 123 -14.90 8.24 0.64
N ASN A 124 -15.53 8.99 1.56
CA ASN A 124 -16.32 10.15 1.17
C ASN A 124 -15.59 11.17 0.29
N VAL A 125 -14.29 11.33 0.46
CA VAL A 125 -13.56 12.28 -0.41
C VAL A 125 -13.51 11.79 -1.85
N LEU A 126 -13.84 10.51 -2.04
CA LEU A 126 -13.87 9.89 -3.38
C LEU A 126 -15.28 9.66 -3.93
N PHE A 127 -16.30 10.22 -3.27
CA PHE A 127 -17.67 10.27 -3.80
C PHE A 127 -17.77 11.43 -4.78
N VAL A 128 -18.18 11.16 -6.01
CA VAL A 128 -18.25 12.19 -7.04
C VAL A 128 -19.61 12.91 -7.05
N GLU A 129 -19.62 14.16 -7.51
CA GLU A 129 -20.85 14.94 -7.62
C GLU A 129 -21.90 14.24 -8.49
N ASP A 130 -21.43 13.52 -9.51
CA ASP A 130 -22.28 12.85 -10.50
C ASP A 130 -22.86 11.52 -9.98
N GLY A 131 -23.43 11.53 -8.78
CA GLY A 131 -23.76 10.27 -8.11
C GLY A 131 -25.23 10.00 -7.88
N LYS A 132 -26.09 10.67 -8.65
CA LYS A 132 -27.52 10.56 -8.48
C LYS A 132 -28.06 9.62 -9.56
N MET A 133 -28.45 8.43 -9.14
CA MET A 133 -28.93 7.42 -10.07
C MET A 133 -30.38 7.68 -10.46
N GLU A 134 -30.75 7.27 -11.67
CA GLU A 134 -32.13 7.32 -12.12
C GLU A 134 -32.93 6.23 -11.41
N ARG A 135 -34.17 6.56 -11.03
CA ARG A 135 -34.97 5.66 -10.21
C ARG A 135 -35.20 4.31 -10.89
N GLN A 136 -35.48 4.37 -12.19
CA GLN A 136 -35.70 3.19 -13.03
C GLN A 136 -34.47 2.26 -13.01
N VAL A 137 -33.30 2.87 -13.04
CA VAL A 137 -32.06 2.10 -13.01
C VAL A 137 -31.79 1.53 -11.62
N PHE A 138 -32.11 2.28 -10.57
CA PHE A 138 -31.96 1.76 -9.21
C PHE A 138 -32.72 0.45 -8.98
N LEU A 139 -34.01 0.43 -9.31
CA LEU A 139 -34.85 -0.75 -9.08
C LEU A 139 -34.31 -1.98 -9.83
N ALA A 140 -34.09 -1.81 -11.14
CA ALA A 140 -33.54 -2.88 -11.99
C ALA A 140 -32.21 -3.38 -11.45
N THR A 141 -31.30 -2.46 -11.17
CA THR A 141 -29.97 -2.84 -10.66
C THR A 141 -30.03 -3.54 -9.29
N TRP A 142 -30.83 -3.00 -8.36
CA TRP A 142 -31.01 -3.66 -7.06
C TRP A 142 -31.53 -5.10 -7.24
N LYS A 143 -32.52 -5.29 -8.12
CA LYS A 143 -33.06 -6.63 -8.43
C LYS A 143 -31.97 -7.58 -8.96
N ASP A 144 -31.23 -7.12 -9.97
CA ASP A 144 -30.24 -7.94 -10.67
C ASP A 144 -29.05 -8.34 -9.82
N ILE A 145 -28.46 -7.37 -9.13
CA ILE A 145 -27.31 -7.65 -8.28
C ILE A 145 -27.67 -8.79 -7.35
N PRO A 146 -26.89 -9.90 -7.44
CA PRO A 146 -27.11 -11.09 -6.62
C PRO A 146 -27.15 -10.72 -5.13
N ASN A 147 -28.04 -11.38 -4.39
CA ASN A 147 -28.19 -11.13 -2.97
C ASN A 147 -26.94 -11.52 -2.16
N GLU A 148 -25.99 -12.17 -2.83
CA GLU A 148 -24.69 -12.48 -2.23
C GLU A 148 -23.89 -11.19 -2.01
N ASN A 149 -24.16 -10.20 -2.85
CA ASN A 149 -23.51 -8.91 -2.76
C ASN A 149 -24.09 -7.99 -1.68
N GLU A 150 -25.32 -8.26 -1.22
CA GLU A 150 -25.93 -7.40 -0.20
C GLU A 150 -25.30 -7.56 1.18
N LEU A 151 -24.87 -6.44 1.75
CA LEU A 151 -24.30 -6.42 3.08
C LEU A 151 -25.07 -5.42 3.95
N GLN A 152 -25.35 -5.80 5.18
CA GLN A 152 -26.14 -4.96 6.09
C GLN A 152 -25.35 -4.44 7.28
N PHE A 153 -25.65 -3.21 7.67
CA PHE A 153 -24.95 -2.55 8.74
C PHE A 153 -25.95 -1.81 9.64
N GLN A 154 -25.54 -1.53 10.86
CA GLN A 154 -26.35 -0.77 11.80
C GLN A 154 -25.67 0.53 12.13
N ILE A 155 -26.37 1.65 11.91
CA ILE A 155 -25.89 2.94 12.37
C ILE A 155 -26.57 3.18 13.73
N LYS A 156 -25.77 3.21 14.78
CA LYS A 156 -26.26 3.20 16.17
C LYS A 156 -26.09 4.54 16.88
N GLU A 157 -27.03 4.86 17.77
CA GLU A 157 -27.02 6.11 18.56
C GLU A 157 -27.22 7.34 17.68
N CYS A 158 -28.08 7.21 16.68
CA CYS A 158 -28.39 8.32 15.78
C CYS A 158 -29.85 8.72 15.93
N HIS A 159 -30.08 10.01 16.08
CA HIS A 159 -31.42 10.50 16.40
C HIS A 159 -31.99 11.50 15.40
N LEU A 160 -31.33 11.63 14.25
CA LEU A 160 -31.77 12.55 13.21
C LEU A 160 -33.01 12.04 12.49
N ASN A 161 -33.87 12.96 12.05
CA ASN A 161 -35.03 12.58 11.24
C ASN A 161 -34.61 12.35 9.79
N ALA A 162 -35.53 11.83 8.98
CA ALA A 162 -35.19 11.39 7.61
C ALA A 162 -34.82 12.55 6.69
N ASP A 163 -35.42 13.70 6.93
CA ASP A 163 -35.09 14.91 6.18
C ASP A 163 -33.64 15.33 6.43
N THR A 164 -33.22 15.29 7.69
CA THR A 164 -31.91 15.78 8.08
C THR A 164 -30.79 14.79 7.70
N VAL A 165 -31.11 13.49 7.83
CA VAL A 165 -30.25 12.43 7.30
C VAL A 165 -30.00 12.63 5.80
N SER A 166 -31.07 12.79 5.03
CA SER A 166 -30.97 13.00 3.60
C SER A 166 -30.10 14.22 3.24
N SER A 167 -30.31 15.32 3.95
CA SER A 167 -29.59 16.56 3.70
C SER A 167 -28.09 16.43 4.01
N LYS A 168 -27.77 15.88 5.18
CA LYS A 168 -26.36 15.67 5.55
C LYS A 168 -25.65 14.75 4.54
N LEU A 169 -26.31 13.66 4.17
CA LEU A 169 -25.73 12.75 3.16
C LEU A 169 -25.59 13.41 1.79
N GLN A 170 -26.58 14.21 1.38
CA GLN A 170 -26.48 14.92 0.10
C GLN A 170 -25.30 15.90 0.07
N ASN A 171 -25.00 16.48 1.22
CA ASN A 171 -23.85 17.40 1.37
C ASN A 171 -22.51 16.68 1.16
N ASN A 172 -22.57 15.35 1.18
CA ASN A 172 -21.40 14.50 0.98
C ASN A 172 -21.52 13.66 -0.28
N ASN A 173 -22.39 14.07 -1.20
CA ASN A 173 -22.58 13.40 -2.49
C ASN A 173 -23.20 12.01 -2.42
N VAL A 174 -24.00 11.78 -1.38
CA VAL A 174 -24.81 10.57 -1.27
C VAL A 174 -26.24 11.02 -1.49
N TYR A 175 -26.86 10.56 -2.57
CA TYR A 175 -28.15 11.12 -2.99
C TYR A 175 -29.33 10.24 -2.59
N THR A 176 -30.41 10.87 -2.14
CA THR A 176 -31.64 10.14 -1.82
C THR A 176 -32.60 10.34 -2.95
N ILE A 177 -32.81 9.29 -3.73
CA ILE A 177 -33.56 9.38 -4.98
C ILE A 177 -35.04 8.97 -4.82
N ALA A 178 -35.33 8.26 -3.73
CA ALA A 178 -36.71 7.91 -3.35
C ALA A 178 -36.83 7.71 -1.84
N LYS A 179 -38.05 7.90 -1.34
CA LYS A 179 -38.35 7.72 0.08
C LYS A 179 -39.70 7.01 0.23
N ARG A 180 -39.77 6.06 1.14
CA ARG A 180 -41.00 5.31 1.41
C ARG A 180 -41.25 5.18 2.91
N ASN A 181 -42.49 5.46 3.32
CA ASN A 181 -42.88 5.43 4.73
C ASN A 181 -43.89 4.31 5.02
N VAL A 182 -43.41 3.22 5.62
CA VAL A 182 -44.27 2.08 5.96
C VAL A 182 -44.25 1.78 7.46
N GLU A 183 -45.43 1.81 8.07
CA GLU A 183 -45.63 1.59 9.51
C GLU A 183 -44.57 2.13 10.46
N GLY A 184 -44.45 3.46 10.46
CA GLY A 184 -43.55 4.19 11.35
C GLY A 184 -42.10 4.20 10.88
N GLN A 185 -41.83 3.49 9.77
CA GLN A 185 -40.47 3.28 9.27
C GLN A 185 -40.20 3.99 7.94
N ASP A 186 -39.22 4.89 7.96
CA ASP A 186 -38.75 5.59 6.76
C ASP A 186 -37.76 4.70 6.01
N MET A 187 -37.99 4.51 4.72
CA MET A 187 -37.00 3.84 3.87
C MET A 187 -36.48 4.81 2.81
N LEU A 188 -35.18 5.08 2.86
CA LEU A 188 -34.53 5.97 1.91
C LEU A 188 -33.68 5.14 0.94
N TYR A 189 -33.95 5.31 -0.35
CA TYR A 189 -33.20 4.65 -1.43
C TYR A 189 -32.18 5.65 -1.94
N GLN A 190 -30.91 5.25 -1.93
CA GLN A 190 -29.82 6.19 -2.10
C GLN A 190 -28.77 5.66 -3.03
N SER A 191 -28.09 6.58 -3.73
CA SER A 191 -26.98 6.21 -4.61
C SER A 191 -25.74 7.08 -4.36
N LEU A 192 -24.60 6.50 -4.68
CA LEU A 192 -23.37 7.24 -4.75
C LEU A 192 -22.44 6.55 -5.71
N LYS A 193 -21.42 7.29 -6.14
CA LYS A 193 -20.49 6.81 -7.14
C LYS A 193 -19.09 7.29 -6.74
N LEU A 194 -18.13 6.39 -6.89
CA LEU A 194 -16.73 6.67 -6.55
C LEU A 194 -15.94 7.17 -7.75
N THR A 195 -14.75 7.68 -7.47
CA THR A 195 -13.90 8.31 -8.47
C THR A 195 -13.50 7.32 -9.57
N ASN A 196 -13.47 6.02 -9.25
CA ASN A 196 -13.14 4.97 -10.21
C ASN A 196 -14.36 4.39 -10.96
N GLY A 197 -15.54 5.00 -10.83
CA GLY A 197 -16.75 4.57 -11.58
C GLY A 197 -17.71 3.59 -10.89
N ILE A 198 -17.28 3.04 -9.76
CA ILE A 198 -18.08 2.08 -8.99
C ILE A 198 -19.32 2.76 -8.36
N TRP A 199 -20.50 2.23 -8.69
CA TRP A 199 -21.77 2.72 -8.11
C TRP A 199 -22.14 1.88 -6.90
N ILE A 200 -22.57 2.54 -5.83
CA ILE A 200 -23.07 1.83 -4.65
C ILE A 200 -24.55 2.22 -4.50
N LEU A 201 -25.39 1.21 -4.24
CA LEU A 201 -26.82 1.41 -4.05
C LEU A 201 -27.07 1.14 -2.58
N ALA A 202 -27.85 2.01 -1.95
CA ALA A 202 -28.19 1.86 -0.54
C ALA A 202 -29.69 1.96 -0.30
N GLU A 203 -30.14 1.19 0.69
CA GLU A 203 -31.46 1.33 1.29
C GLU A 203 -31.27 1.53 2.80
N LEU A 204 -31.73 2.69 3.30
CA LEU A 204 -31.60 3.05 4.71
C LEU A 204 -32.96 3.08 5.38
N ARG A 205 -33.11 2.31 6.46
CA ARG A 205 -34.40 2.15 7.16
C ARG A 205 -34.35 2.81 8.53
N ILE A 206 -35.35 3.65 8.80
CA ILE A 206 -35.41 4.40 10.08
C ILE A 206 -36.62 3.96 10.94
N GLN A 207 -36.35 3.50 12.17
CA GLN A 207 -37.40 3.02 13.09
C GLN A 207 -37.56 3.90 14.34
N PRO A 208 -38.80 4.12 14.80
CA PRO A 208 -39.03 4.93 16.01
C PRO A 208 -38.93 4.11 17.31
N GLY A 209 -38.35 4.70 18.35
CA GLY A 209 -38.02 3.97 19.57
C GLY A 209 -36.70 3.24 19.40
N ASN A 210 -36.14 3.40 18.20
CA ASN A 210 -34.94 2.73 17.76
C ASN A 210 -33.83 3.76 17.61
N PRO A 211 -32.81 3.72 18.49
CA PRO A 211 -31.73 4.70 18.37
C PRO A 211 -30.76 4.35 17.22
N ASN A 212 -31.15 3.40 16.37
CA ASN A 212 -30.29 2.89 15.30
C ASN A 212 -30.98 2.50 13.99
N TYR A 213 -30.33 2.85 12.88
CA TYR A 213 -30.87 2.62 11.53
C TYR A 213 -30.18 1.44 10.83
N THR A 214 -30.90 0.77 9.94
CA THR A 214 -30.33 -0.32 9.14
C THR A 214 -29.92 0.14 7.75
N LEU A 215 -28.63 0.03 7.49
CA LEU A 215 -28.05 0.37 6.19
C LEU A 215 -27.76 -0.89 5.41
N SER A 216 -28.45 -1.05 4.28
CA SER A 216 -28.25 -2.18 3.39
C SER A 216 -27.60 -1.73 2.07
N LEU A 217 -26.44 -2.31 1.77
CA LEU A 217 -25.67 -1.91 0.61
C LEU A 217 -25.53 -3.03 -0.41
N LYS A 218 -25.75 -2.66 -1.69
CA LYS A 218 -25.50 -3.52 -2.84
C LYS A 218 -24.51 -2.87 -3.80
N CYS A 219 -23.50 -3.62 -4.20
CA CYS A 219 -22.42 -3.11 -5.02
C CYS A 219 -21.83 -4.28 -5.79
N ARG A 220 -21.60 -4.10 -7.10
CA ARG A 220 -20.86 -5.10 -7.88
C ARG A 220 -19.41 -5.30 -7.43
N ALA A 221 -18.91 -4.38 -6.60
CA ALA A 221 -17.64 -4.59 -5.87
C ALA A 221 -17.85 -4.52 -4.34
N PRO A 222 -18.45 -5.58 -3.74
CA PRO A 222 -18.96 -5.55 -2.37
C PRO A 222 -17.89 -5.33 -1.31
N GLU A 223 -16.63 -5.52 -1.67
CA GLU A 223 -15.53 -5.26 -0.77
C GLU A 223 -15.46 -3.80 -0.28
N VAL A 224 -16.03 -2.86 -1.04
CA VAL A 224 -16.02 -1.45 -0.63
CA VAL A 224 -16.05 -1.44 -0.63
C VAL A 224 -17.08 -1.16 0.46
N SER A 225 -18.09 -2.03 0.54
CA SER A 225 -19.28 -1.75 1.34
C SER A 225 -18.99 -1.36 2.79
N GLN A 226 -18.17 -2.15 3.49
CA GLN A 226 -17.88 -1.85 4.89
C GLN A 226 -17.25 -0.48 5.07
N TYR A 227 -16.45 -0.04 4.11
CA TYR A 227 -15.83 1.25 4.18
C TYR A 227 -16.85 2.36 3.95
N ILE A 228 -17.83 2.09 3.09
CA ILE A 228 -18.93 3.03 2.85
C ILE A 228 -19.76 3.22 4.13
N TYR A 229 -20.02 2.10 4.80
CA TYR A 229 -20.69 2.13 6.10
C TYR A 229 -20.00 3.05 7.11
N GLN A 230 -18.69 2.87 7.29
CA GLN A 230 -17.90 3.69 8.23
C GLN A 230 -18.08 5.17 7.94
N VAL A 231 -18.11 5.49 6.64
CA VAL A 231 -18.33 6.86 6.15
C VAL A 231 -19.71 7.43 6.53
N TYR A 232 -20.77 6.68 6.22
CA TYR A 232 -22.15 7.03 6.63
C TYR A 232 -22.20 7.34 8.11
N ASP A 233 -21.64 6.43 8.92
CA ASP A 233 -21.62 6.56 10.37
C ASP A 233 -20.96 7.87 10.79
N SER A 234 -19.78 8.14 10.25
CA SER A 234 -19.09 9.40 10.50
C SER A 234 -19.91 10.63 10.10
N ILE A 235 -20.51 10.60 8.92
CA ILE A 235 -21.32 11.73 8.43
C ILE A 235 -22.53 11.99 9.35
N LEU A 236 -23.20 10.93 9.76
CA LEU A 236 -24.43 11.06 10.56
C LEU A 236 -24.20 11.20 12.08
N LYS A 237 -22.97 10.94 12.53
CA LYS A 237 -22.60 11.11 13.93
C LYS A 237 -21.92 12.45 14.14
N ASN A 238 -21.59 13.11 13.02
CA ASN A 238 -20.89 14.39 13.05
C ASN A 238 -21.59 15.45 12.22
N GLY B 6 18.79 -19.51 -11.77
CA GLY B 6 18.80 -18.31 -10.87
C GLY B 6 17.51 -17.51 -10.93
N GLY B 7 17.14 -16.90 -9.80
CA GLY B 7 15.91 -16.11 -9.71
C GLY B 7 16.09 -14.67 -10.13
N TYR B 8 15.01 -13.88 -10.05
CA TYR B 8 15.07 -12.45 -10.35
C TYR B 8 15.98 -11.70 -9.37
N VAL B 9 16.90 -10.89 -9.92
CA VAL B 9 17.71 -9.98 -9.12
C VAL B 9 17.48 -8.58 -9.65
N ALA B 10 17.07 -7.67 -8.77
CA ALA B 10 16.81 -6.27 -9.17
C ALA B 10 18.12 -5.58 -9.54
N PRO B 11 18.09 -4.66 -10.52
CA PRO B 11 19.22 -3.79 -10.80
C PRO B 11 19.67 -3.08 -9.52
N LYS B 12 20.97 -2.85 -9.37
CA LYS B 12 21.45 -2.07 -8.23
C LYS B 12 20.81 -0.69 -8.26
N ALA B 13 20.57 -0.15 -7.07
CA ALA B 13 20.03 1.17 -6.94
C ALA B 13 20.95 1.91 -5.99
N VAL B 14 21.00 3.23 -6.12
CA VAL B 14 21.84 4.04 -5.25
C VAL B 14 21.13 4.25 -3.90
N TRP B 15 21.44 3.40 -2.93
CA TRP B 15 20.83 3.45 -1.60
C TRP B 15 21.37 4.61 -0.80
N LEU B 16 22.62 4.97 -1.06
CA LEU B 16 23.26 6.06 -0.35
C LEU B 16 24.08 6.91 -1.32
N PRO B 17 23.52 8.07 -1.73
CA PRO B 17 24.26 8.96 -2.65
C PRO B 17 25.43 9.61 -1.93
N ALA B 18 26.51 9.89 -2.65
CA ALA B 18 27.71 10.48 -2.05
C ALA B 18 27.44 11.79 -1.32
N VAL B 19 26.66 12.70 -1.91
CA VAL B 19 26.38 14.01 -1.28
C VAL B 19 25.64 13.92 0.05
N LYS B 20 25.05 12.75 0.35
CA LYS B 20 24.40 12.55 1.65
C LYS B 20 25.29 11.83 2.66
N ALA B 21 26.46 11.36 2.20
CA ALA B 21 27.36 10.58 3.05
C ALA B 21 28.84 10.99 2.93
N LYS B 22 29.05 12.27 2.67
CA LYS B 22 30.40 12.86 2.65
C LYS B 22 31.36 12.07 1.78
N GLY B 23 30.91 11.79 0.56
CA GLY B 23 31.71 11.09 -0.43
C GLY B 23 31.44 9.60 -0.56
N LEU B 24 30.88 9.00 0.48
CA LEU B 24 30.54 7.58 0.44
C LEU B 24 29.28 7.35 -0.40
N GLU B 25 29.43 6.57 -1.46
CA GLU B 25 28.32 6.13 -2.28
C GLU B 25 28.15 4.61 -2.19
N ILE B 26 26.91 4.18 -1.95
CA ILE B 26 26.60 2.76 -1.87
C ILE B 26 25.48 2.45 -2.85
N SER B 27 25.80 1.56 -3.79
CA SER B 27 24.84 0.98 -4.71
C SER B 27 24.56 -0.43 -4.23
N GLY B 28 23.34 -0.93 -4.41
CA GLY B 28 23.00 -2.24 -3.84
C GLY B 28 21.82 -2.98 -4.45
N THR B 29 21.82 -4.30 -4.24
CA THR B 29 20.66 -5.15 -4.50
C THR B 29 20.69 -6.34 -3.54
N PHE B 30 19.68 -7.21 -3.61
CA PHE B 30 19.61 -8.41 -2.77
C PHE B 30 19.54 -9.64 -3.67
N THR B 31 20.26 -10.69 -3.28
CA THR B 31 20.26 -11.95 -4.03
C THR B 31 20.00 -13.14 -3.11
N HIS B 32 19.52 -14.23 -3.71
CA HIS B 32 19.27 -15.47 -3.01
C HIS B 32 19.90 -16.54 -3.89
N ARG B 33 21.07 -17.02 -3.48
CA ARG B 33 21.84 -18.00 -4.24
C ARG B 33 22.06 -19.26 -3.44
N GLN B 34 21.68 -20.40 -4.02
CA GLN B 34 21.85 -21.70 -3.38
C GLN B 34 21.52 -21.63 -1.89
N GLY B 35 20.29 -21.25 -1.58
CA GLY B 35 19.82 -21.22 -0.19
C GLY B 35 20.45 -20.17 0.71
N HIS B 36 21.22 -19.25 0.14
CA HIS B 36 21.81 -18.17 0.94
C HIS B 36 21.34 -16.80 0.47
N ILE B 37 21.03 -15.93 1.43
CA ILE B 37 20.64 -14.55 1.14
C ILE B 37 21.86 -13.64 1.27
N TYR B 38 22.07 -12.76 0.30
CA TYR B 38 23.16 -11.80 0.32
C TYR B 38 22.68 -10.37 0.08
N MET B 39 23.29 -9.42 0.80
CA MET B 39 23.19 -8.02 0.43
C MET B 39 24.39 -7.69 -0.46
N GLU B 40 24.14 -7.43 -1.74
CA GLU B 40 25.20 -7.20 -2.72
C GLU B 40 25.38 -5.72 -2.97
N MET B 41 26.50 -5.18 -2.48
CA MET B 41 26.73 -3.74 -2.50
C MET B 41 28.00 -3.35 -3.24
N ASN B 42 27.96 -2.16 -3.83
CA ASN B 42 29.11 -1.52 -4.43
C ASN B 42 29.38 -0.23 -3.65
N PHE B 43 30.53 -0.17 -2.99
CA PHE B 43 30.97 0.98 -2.20
C PHE B 43 31.94 1.78 -3.08
N THR B 44 31.64 3.04 -3.33
CA THR B 44 32.56 3.92 -4.07
C THR B 44 33.00 5.11 -3.19
N ASN B 45 34.30 5.39 -3.18
CA ASN B 45 34.84 6.55 -2.46
C ASN B 45 34.95 7.74 -3.41
N LYS B 46 34.03 8.68 -3.24
CA LYS B 46 34.04 9.91 -4.05
C LYS B 46 34.59 11.09 -3.25
N ALA B 47 35.14 10.81 -2.08
CA ALA B 47 35.80 11.83 -1.26
C ALA B 47 37.26 11.98 -1.69
N LEU B 48 38.00 12.84 -0.98
CA LEU B 48 39.42 13.09 -1.28
C LEU B 48 40.29 12.29 -0.32
N GLN B 49 39.69 11.86 0.78
CA GLN B 49 40.38 11.10 1.82
C GLN B 49 40.15 9.60 1.65
N HIS B 50 41.11 8.79 2.11
N HIS B 50 41.12 8.78 2.10
CA HIS B 50 40.97 7.33 2.10
CA HIS B 50 40.99 7.33 2.10
C HIS B 50 39.93 6.89 3.13
C HIS B 50 39.89 6.92 3.08
N MET B 51 39.23 5.80 2.82
CA MET B 51 38.19 5.28 3.72
C MET B 51 38.59 3.94 4.34
N THR B 52 38.36 3.83 5.65
CA THR B 52 38.64 2.61 6.40
C THR B 52 37.55 2.39 7.46
N ASP B 53 37.68 1.32 8.23
CA ASP B 53 36.81 1.03 9.38
C ASP B 53 35.32 0.88 9.01
N PHE B 54 35.05 0.25 7.87
CA PHE B 54 33.67 0.01 7.46
C PHE B 54 32.99 -1.02 8.35
N ALA B 55 31.76 -0.72 8.73
CA ALA B 55 30.93 -1.61 9.52
C ALA B 55 29.47 -1.34 9.15
N ILE B 56 28.61 -2.33 9.36
CA ILE B 56 27.22 -2.18 8.97
C ILE B 56 26.31 -2.72 10.08
N GLN B 57 25.14 -2.11 10.24
CA GLN B 57 24.15 -2.55 11.21
C GLN B 57 22.74 -2.38 10.64
N PHE B 58 21.89 -3.38 10.87
CA PHE B 58 20.48 -3.34 10.47
C PHE B 58 19.62 -3.05 11.69
N ASN B 59 18.68 -2.10 11.60
CA ASN B 59 17.63 -1.98 12.62
C ASN B 59 16.72 -3.21 12.56
N LYS B 60 16.01 -3.49 13.67
CA LYS B 60 14.94 -4.50 13.72
C LYS B 60 14.04 -4.33 12.49
N ASN B 61 13.57 -5.43 11.92
CA ASN B 61 12.76 -5.34 10.69
C ASN B 61 11.71 -6.46 10.57
N SER B 62 10.87 -6.36 9.55
CA SER B 62 9.66 -7.19 9.48
C SER B 62 9.96 -8.68 9.48
N PHE B 63 11.01 -9.08 8.76
CA PHE B 63 11.39 -10.48 8.58
C PHE B 63 12.62 -10.95 9.36
N GLY B 64 13.07 -10.17 10.32
CA GLY B 64 14.22 -10.54 11.17
C GLY B 64 15.54 -10.64 10.43
N VAL B 65 15.67 -9.89 9.33
CA VAL B 65 16.88 -9.88 8.52
C VAL B 65 18.02 -9.22 9.30
N ILE B 66 19.20 -9.84 9.26
CA ILE B 66 20.38 -9.41 10.01
C ILE B 66 21.64 -9.98 9.30
N PRO B 67 22.75 -9.21 9.28
CA PRO B 67 24.00 -9.78 8.72
C PRO B 67 24.49 -11.02 9.49
N SER B 68 25.04 -11.99 8.77
CA SER B 68 25.58 -13.20 9.39
C SER B 68 27.02 -13.03 9.84
N THR B 69 27.69 -11.98 9.33
CA THR B 69 29.05 -11.61 9.75
C THR B 69 29.23 -10.10 9.69
N PRO B 70 30.26 -9.57 10.41
CA PRO B 70 30.69 -8.19 10.21
C PRO B 70 31.12 -7.98 8.76
N LEU B 71 31.00 -6.74 8.29
CA LEU B 71 31.22 -6.40 6.88
C LEU B 71 32.63 -6.75 6.36
N ALA B 72 33.63 -6.61 7.24
CA ALA B 72 35.02 -7.02 6.98
C ALA B 72 35.62 -6.53 5.66
N ILE B 73 35.86 -5.22 5.59
CA ILE B 73 36.68 -4.65 4.52
C ILE B 73 37.99 -4.23 5.16
N HIS B 74 39.05 -4.97 4.86
CA HIS B 74 40.36 -4.75 5.47
C HIS B 74 41.18 -3.73 4.69
N THR B 75 41.29 -3.94 3.38
CA THR B 75 42.01 -3.01 2.50
C THR B 75 41.35 -1.61 2.45
N PRO B 76 42.16 -0.54 2.56
CA PRO B 76 41.59 0.81 2.55
C PRO B 76 41.00 1.17 1.18
N LEU B 77 39.95 1.97 1.18
CA LEU B 77 39.31 2.35 -0.08
C LEU B 77 39.76 3.75 -0.51
N MET B 78 40.38 3.81 -1.68
CA MET B 78 41.03 5.03 -2.16
C MET B 78 40.05 5.92 -2.92
N PRO B 79 40.30 7.23 -2.95
CA PRO B 79 39.49 8.14 -3.78
C PRO B 79 39.30 7.65 -5.23
N ASN B 80 38.02 7.59 -5.63
CA ASN B 80 37.56 7.12 -6.95
C ASN B 80 37.63 5.60 -7.17
N GLN B 81 38.05 4.88 -6.14
CA GLN B 81 38.10 3.43 -6.16
C GLN B 81 36.80 2.87 -5.58
N SER B 82 36.35 1.74 -6.14
CA SER B 82 35.14 1.08 -5.68
C SER B 82 35.42 -0.38 -5.36
N ILE B 83 34.65 -0.93 -4.42
CA ILE B 83 34.68 -2.37 -4.15
C ILE B 83 33.27 -2.95 -4.16
N ASP B 84 33.16 -4.18 -4.65
CA ASP B 84 31.91 -4.94 -4.63
C ASP B 84 31.91 -5.93 -3.47
N VAL B 85 31.00 -5.72 -2.52
CA VAL B 85 30.90 -6.50 -1.29
C VAL B 85 29.67 -7.42 -1.37
N SER B 86 29.83 -8.66 -0.90
CA SER B 86 28.71 -9.59 -0.81
C SER B 86 28.46 -9.98 0.64
N LEU B 87 27.42 -9.41 1.24
CA LEU B 87 27.17 -9.59 2.67
C LEU B 87 26.13 -10.69 2.95
N PRO B 88 26.57 -11.82 3.55
CA PRO B 88 25.62 -12.92 3.80
C PRO B 88 24.64 -12.53 4.91
N LEU B 89 23.36 -12.84 4.69
CA LEU B 89 22.29 -12.46 5.64
C LEU B 89 21.56 -13.68 6.15
N ASN B 90 20.98 -13.55 7.34
CA ASN B 90 20.03 -14.54 7.85
C ASN B 90 18.75 -13.89 8.39
N THR B 91 17.73 -14.71 8.67
CA THR B 91 16.44 -14.20 9.11
C THR B 91 16.11 -14.58 10.57
N LEU B 92 17.16 -14.79 11.38
CA LEU B 92 16.97 -15.12 12.79
C LEU B 92 17.20 -13.92 13.73
N GLY B 93 17.28 -12.72 13.16
CA GLY B 93 17.46 -11.50 13.97
C GLY B 93 16.17 -10.99 14.58
N PRO B 94 16.24 -9.89 15.36
CA PRO B 94 15.08 -9.30 16.03
C PRO B 94 14.06 -8.70 15.05
N VAL B 95 12.80 -8.75 15.44
CA VAL B 95 11.70 -8.42 14.54
C VAL B 95 10.95 -7.18 15.01
N MET B 96 10.59 -6.33 14.05
CA MET B 96 9.73 -5.18 14.25
C MET B 96 9.01 -4.95 12.93
N LYS B 97 7.70 -4.73 12.98
CA LYS B 97 6.93 -4.47 11.76
C LYS B 97 7.34 -3.13 11.16
N MET B 98 7.80 -3.16 9.90
CA MET B 98 8.21 -1.93 9.20
C MET B 98 7.10 -1.38 8.30
N GLU B 99 7.18 -0.07 8.01
CA GLU B 99 6.29 0.59 7.06
C GLU B 99 7.13 1.31 5.98
N PRO B 100 6.99 0.91 4.70
CA PRO B 100 6.22 -0.25 4.21
C PRO B 100 6.86 -1.53 4.73
N LEU B 101 6.20 -2.68 4.55
CA LEU B 101 6.65 -3.92 5.20
C LEU B 101 8.07 -4.37 4.85
N ASN B 102 8.47 -4.19 3.59
CA ASN B 102 9.77 -4.65 3.13
C ASN B 102 10.85 -3.55 3.08
N ASN B 103 10.62 -2.46 3.81
CA ASN B 103 11.65 -1.44 4.02
C ASN B 103 12.62 -1.85 5.12
N LEU B 104 13.91 -1.65 4.88
CA LEU B 104 14.94 -2.04 5.83
C LEU B 104 15.80 -0.83 6.21
N GLN B 105 15.87 -0.52 7.51
CA GLN B 105 16.72 0.58 7.98
C GLN B 105 18.14 0.09 8.27
N VAL B 106 19.12 0.81 7.71
CA VAL B 106 20.51 0.41 7.75
C VAL B 106 21.36 1.58 8.24
N ALA B 107 22.45 1.25 8.94
CA ALA B 107 23.49 2.22 9.29
C ALA B 107 24.85 1.69 8.83
N VAL B 108 25.61 2.54 8.14
CA VAL B 108 26.97 2.18 7.71
C VAL B 108 27.94 3.20 8.26
N LYS B 109 29.04 2.67 8.79
CA LYS B 109 30.05 3.43 9.49
C LYS B 109 31.32 3.36 8.67
N ASN B 110 32.11 4.43 8.69
CA ASN B 110 33.50 4.37 8.25
C ASN B 110 34.34 5.23 9.17
N ASN B 111 35.53 5.62 8.73
CA ASN B 111 36.41 6.45 9.55
C ASN B 111 35.97 7.91 9.66
N ILE B 112 35.05 8.33 8.79
CA ILE B 112 34.57 9.71 8.72
C ILE B 112 33.34 9.97 9.60
N ASP B 113 32.31 9.12 9.48
CA ASP B 113 31.06 9.27 10.26
C ASP B 113 30.17 8.01 10.20
N VAL B 114 29.04 8.06 10.90
CA VAL B 114 27.97 7.06 10.78
C VAL B 114 26.82 7.62 9.95
N PHE B 115 26.39 6.86 8.95
CA PHE B 115 25.37 7.30 8.02
C PHE B 115 24.20 6.33 8.07
N TYR B 116 22.99 6.88 7.94
CA TYR B 116 21.75 6.11 7.97
C TYR B 116 21.04 6.18 6.63
N PHE B 117 20.52 5.04 6.17
CA PHE B 117 19.68 4.97 4.98
C PHE B 117 18.71 3.81 5.13
N SER B 118 17.75 3.73 4.20
CA SER B 118 16.85 2.59 4.15
C SER B 118 16.84 2.04 2.74
N CYS B 119 16.47 0.77 2.58
CA CYS B 119 16.37 0.15 1.25
C CYS B 119 15.23 -0.85 1.21
N LEU B 120 14.92 -1.31 0.01
CA LEU B 120 13.81 -2.21 -0.24
C LEU B 120 14.30 -3.65 -0.39
N ILE B 121 13.72 -4.54 0.39
CA ILE B 121 13.95 -5.97 0.23
C ILE B 121 12.87 -6.58 -0.68
N PRO B 122 13.26 -7.03 -1.88
CA PRO B 122 12.25 -7.62 -2.76
C PRO B 122 11.91 -8.95 -2.10
N LEU B 123 10.64 -9.27 -1.97
CA LEU B 123 10.29 -10.42 -1.13
C LEU B 123 10.72 -11.78 -1.71
N ASN B 124 11.07 -11.82 -2.99
CA ASN B 124 11.49 -13.10 -3.61
C ASN B 124 12.76 -13.66 -3.00
N VAL B 125 13.63 -12.79 -2.48
CA VAL B 125 14.85 -13.26 -1.84
C VAL B 125 14.52 -14.03 -0.56
N LEU B 126 13.31 -13.81 -0.04
CA LEU B 126 12.82 -14.52 1.15
C LEU B 126 11.90 -15.70 0.83
N PHE B 127 11.77 -16.05 -0.45
CA PHE B 127 11.02 -17.25 -0.83
C PHE B 127 11.92 -18.48 -0.66
N VAL B 128 11.46 -19.46 0.09
CA VAL B 128 12.28 -20.63 0.42
C VAL B 128 12.09 -21.74 -0.61
N GLU B 129 13.10 -22.61 -0.74
CA GLU B 129 13.09 -23.71 -1.71
C GLU B 129 11.92 -24.67 -1.47
N ASP B 130 11.66 -24.94 -0.20
CA ASP B 130 10.64 -25.88 0.27
C ASP B 130 9.26 -25.23 0.26
N GLY B 131 8.85 -24.72 -0.90
CA GLY B 131 7.60 -23.98 -1.01
C GLY B 131 6.56 -24.61 -1.92
N LYS B 132 6.65 -25.93 -2.11
CA LYS B 132 5.68 -26.64 -2.93
C LYS B 132 4.65 -27.32 -2.04
N MET B 133 3.43 -26.81 -2.10
CA MET B 133 2.34 -27.31 -1.29
C MET B 133 1.67 -28.52 -1.93
N GLU B 134 1.23 -29.47 -1.10
CA GLU B 134 0.42 -30.60 -1.58
C GLU B 134 -0.95 -30.12 -2.06
N ARG B 135 -1.43 -30.72 -3.16
CA ARG B 135 -2.67 -30.25 -3.81
C ARG B 135 -3.86 -30.35 -2.88
N GLN B 136 -3.89 -31.43 -2.10
CA GLN B 136 -4.97 -31.63 -1.15
C GLN B 136 -5.03 -30.48 -0.13
N VAL B 137 -3.88 -30.13 0.41
CA VAL B 137 -3.82 -29.07 1.41
C VAL B 137 -4.13 -27.70 0.75
N PHE B 138 -3.64 -27.49 -0.47
CA PHE B 138 -4.01 -26.28 -1.22
C PHE B 138 -5.53 -26.09 -1.27
N LEU B 139 -6.24 -27.11 -1.74
CA LEU B 139 -7.68 -26.98 -1.97
C LEU B 139 -8.45 -26.73 -0.67
N ALA B 140 -8.10 -27.46 0.39
CA ALA B 140 -8.78 -27.29 1.69
C ALA B 140 -8.42 -25.93 2.30
N THR B 141 -7.17 -25.52 2.17
CA THR B 141 -6.74 -24.23 2.73
C THR B 141 -7.41 -23.07 1.98
N TRP B 142 -7.38 -23.10 0.64
CA TRP B 142 -8.00 -22.05 -0.17
C TRP B 142 -9.46 -21.85 0.26
N LYS B 143 -10.19 -22.95 0.42
CA LYS B 143 -11.58 -22.90 0.90
C LYS B 143 -11.74 -22.33 2.32
N ASP B 144 -10.89 -22.76 3.26
CA ASP B 144 -11.00 -22.35 4.66
CA ASP B 144 -11.00 -22.36 4.65
C ASP B 144 -10.67 -20.89 4.88
N ILE B 145 -9.62 -20.39 4.23
CA ILE B 145 -9.23 -18.97 4.41
C ILE B 145 -10.38 -18.04 4.01
N PRO B 146 -10.82 -17.16 4.93
CA PRO B 146 -11.90 -16.22 4.63
C PRO B 146 -11.62 -15.40 3.37
N ASN B 147 -12.61 -15.30 2.49
CA ASN B 147 -12.48 -14.55 1.25
C ASN B 147 -12.11 -13.08 1.46
N GLU B 148 -12.41 -12.54 2.65
CA GLU B 148 -11.95 -11.18 2.98
C GLU B 148 -10.42 -11.08 2.96
N ASN B 149 -9.74 -12.22 3.13
CA ASN B 149 -8.28 -12.29 3.03
C ASN B 149 -7.80 -12.43 1.58
N GLU B 150 -8.73 -12.57 0.64
CA GLU B 150 -8.34 -12.70 -0.76
C GLU B 150 -8.14 -11.34 -1.42
N LEU B 151 -6.98 -11.16 -2.04
CA LEU B 151 -6.70 -9.90 -2.73
C LEU B 151 -6.26 -10.19 -4.17
N GLN B 152 -6.72 -9.35 -5.10
CA GLN B 152 -6.54 -9.63 -6.51
C GLN B 152 -5.82 -8.49 -7.18
N PHE B 153 -4.94 -8.87 -8.10
CA PHE B 153 -4.05 -7.95 -8.77
C PHE B 153 -4.04 -8.32 -10.28
N GLN B 154 -3.63 -7.38 -11.13
CA GLN B 154 -3.48 -7.65 -12.55
C GLN B 154 -2.01 -7.65 -12.92
N ILE B 155 -1.55 -8.69 -13.62
CA ILE B 155 -0.25 -8.62 -14.25
C ILE B 155 -0.55 -8.19 -15.70
N LYS B 156 -0.19 -6.95 -15.98
CA LYS B 156 -0.68 -6.26 -17.18
C LYS B 156 0.26 -6.40 -18.37
N GLU B 157 -0.35 -6.64 -19.53
CA GLU B 157 0.37 -6.72 -20.80
C GLU B 157 1.57 -7.65 -20.67
N CYS B 158 1.26 -8.84 -20.16
CA CYS B 158 2.21 -9.92 -20.08
C CYS B 158 2.15 -10.65 -21.42
N HIS B 159 3.31 -10.92 -22.00
CA HIS B 159 3.37 -11.55 -23.33
C HIS B 159 3.88 -12.98 -23.23
N LEU B 160 3.75 -13.57 -22.04
CA LEU B 160 4.25 -14.91 -21.77
C LEU B 160 3.11 -15.93 -21.78
N ASN B 161 3.37 -17.11 -22.36
CA ASN B 161 2.42 -18.23 -22.25
C ASN B 161 2.51 -18.86 -20.86
N ALA B 162 1.50 -19.66 -20.51
CA ALA B 162 1.39 -20.28 -19.18
C ALA B 162 2.63 -21.05 -18.77
N ASP B 163 3.28 -21.69 -19.74
CA ASP B 163 4.44 -22.51 -19.44
C ASP B 163 5.70 -21.73 -19.12
N THR B 164 5.90 -20.61 -19.82
CA THR B 164 7.00 -19.69 -19.51
C THR B 164 6.74 -19.02 -18.15
N VAL B 165 5.48 -18.70 -17.88
CA VAL B 165 5.07 -18.14 -16.59
C VAL B 165 5.47 -19.08 -15.45
N SER B 166 5.14 -20.37 -15.60
CA SER B 166 5.41 -21.37 -14.55
CA SER B 166 5.41 -21.36 -14.55
C SER B 166 6.90 -21.57 -14.32
N SER B 167 7.65 -21.62 -15.43
CA SER B 167 9.10 -21.84 -15.39
C SER B 167 9.85 -20.68 -14.76
N LYS B 168 9.56 -19.45 -15.19
CA LYS B 168 10.16 -18.26 -14.57
C LYS B 168 9.89 -18.25 -13.07
N LEU B 169 8.62 -18.44 -12.71
CA LEU B 169 8.18 -18.44 -11.31
C LEU B 169 8.80 -19.57 -10.49
N GLN B 170 8.97 -20.75 -11.10
CA GLN B 170 9.63 -21.86 -10.41
C GLN B 170 11.09 -21.53 -10.11
N ASN B 171 11.74 -20.82 -11.02
CA ASN B 171 13.12 -20.36 -10.78
C ASN B 171 13.24 -19.39 -9.60
N ASN B 172 12.10 -18.90 -9.13
CA ASN B 172 12.04 -17.99 -7.98
C ASN B 172 11.34 -18.59 -6.76
N ASN B 173 11.30 -19.92 -6.71
CA ASN B 173 10.66 -20.68 -5.63
C ASN B 173 9.15 -20.44 -5.47
N VAL B 174 8.50 -20.15 -6.59
CA VAL B 174 7.05 -20.05 -6.65
C VAL B 174 6.57 -21.24 -7.48
N TYR B 175 5.90 -22.17 -6.81
CA TYR B 175 5.60 -23.46 -7.42
C TYR B 175 4.18 -23.55 -7.96
N THR B 176 4.07 -23.97 -9.22
CA THR B 176 2.77 -24.29 -9.79
C THR B 176 2.48 -25.77 -9.53
N ILE B 177 1.53 -26.00 -8.64
CA ILE B 177 1.22 -27.36 -8.19
C ILE B 177 0.08 -27.99 -9.01
N ALA B 178 -0.68 -27.15 -9.71
CA ALA B 178 -1.78 -27.61 -10.57
C ALA B 178 -2.05 -26.58 -11.67
N LYS B 179 -2.42 -27.07 -12.84
CA LYS B 179 -2.83 -26.23 -13.96
C LYS B 179 -4.14 -26.76 -14.53
N ARG B 180 -5.19 -25.94 -14.48
CA ARG B 180 -6.53 -26.36 -14.94
C ARG B 180 -7.06 -25.48 -16.07
N ASN B 181 -7.56 -26.13 -17.13
CA ASN B 181 -8.25 -25.43 -18.22
C ASN B 181 -9.77 -25.45 -18.08
N VAL B 182 -10.36 -24.26 -17.99
CA VAL B 182 -11.80 -24.08 -17.95
C VAL B 182 -12.24 -23.19 -19.11
N GLU B 183 -12.99 -23.76 -20.05
CA GLU B 183 -13.58 -22.99 -21.16
C GLU B 183 -12.55 -22.17 -21.94
N GLY B 184 -11.35 -22.70 -22.13
CA GLY B 184 -10.28 -21.94 -22.77
C GLY B 184 -9.37 -21.21 -21.80
N GLN B 185 -9.89 -20.83 -20.63
CA GLN B 185 -9.11 -20.10 -19.62
C GLN B 185 -8.21 -21.05 -18.81
N ASP B 186 -6.91 -20.75 -18.79
CA ASP B 186 -5.95 -21.45 -17.93
C ASP B 186 -5.99 -20.88 -16.52
N MET B 187 -5.98 -21.77 -15.53
CA MET B 187 -5.86 -21.39 -14.14
C MET B 187 -4.67 -22.14 -13.57
N LEU B 188 -3.70 -21.38 -13.06
CA LEU B 188 -2.49 -21.92 -12.49
CA LEU B 188 -2.50 -21.94 -12.49
C LEU B 188 -2.57 -21.80 -10.98
N TYR B 189 -2.41 -22.92 -10.27
CA TYR B 189 -2.52 -22.93 -8.81
C TYR B 189 -1.14 -23.04 -8.22
N GLN B 190 -0.78 -22.08 -7.38
CA GLN B 190 0.61 -21.91 -6.99
C GLN B 190 0.78 -21.70 -5.49
N SER B 191 1.96 -22.04 -5.00
CA SER B 191 2.28 -21.85 -3.59
C SER B 191 3.70 -21.33 -3.45
N LEU B 192 3.93 -20.65 -2.34
CA LEU B 192 5.25 -20.23 -1.91
C LEU B 192 5.22 -20.05 -0.40
N LYS B 193 6.40 -20.13 0.22
CA LYS B 193 6.56 -19.96 1.65
C LYS B 193 7.69 -18.96 1.92
N LEU B 194 7.50 -18.14 2.95
CA LEU B 194 8.50 -17.16 3.34
C LEU B 194 9.44 -17.72 4.39
N THR B 195 10.59 -17.08 4.55
CA THR B 195 11.57 -17.48 5.55
C THR B 195 10.99 -17.47 6.97
N ASN B 196 9.95 -16.68 7.19
CA ASN B 196 9.33 -16.65 8.52
C ASN B 196 8.18 -17.67 8.69
N GLY B 197 7.99 -18.53 7.70
CA GLY B 197 6.99 -19.61 7.79
C GLY B 197 5.64 -19.34 7.18
N ILE B 198 5.40 -18.10 6.76
CA ILE B 198 4.13 -17.75 6.12
C ILE B 198 3.99 -18.47 4.76
N TRP B 199 2.87 -19.18 4.59
CA TRP B 199 2.51 -19.72 3.28
C TRP B 199 1.61 -18.75 2.53
N ILE B 200 1.86 -18.58 1.23
CA ILE B 200 0.96 -17.82 0.37
C ILE B 200 0.40 -18.75 -0.72
N LEU B 201 -0.92 -18.73 -0.90
CA LEU B 201 -1.60 -19.49 -1.95
C LEU B 201 -1.98 -18.51 -3.08
N ALA B 202 -1.77 -18.94 -4.32
CA ALA B 202 -2.06 -18.09 -5.47
C ALA B 202 -2.80 -18.86 -6.56
N GLU B 203 -3.68 -18.16 -7.25
CA GLU B 203 -4.34 -18.66 -8.46
C GLU B 203 -4.10 -17.60 -9.53
N LEU B 204 -3.53 -18.00 -10.65
CA LEU B 204 -3.30 -17.07 -11.73
C LEU B 204 -4.17 -17.47 -12.90
N ARG B 205 -5.02 -16.55 -13.34
CA ARG B 205 -5.92 -16.81 -14.44
C ARG B 205 -5.37 -16.22 -15.73
N ILE B 206 -5.19 -17.10 -16.72
CA ILE B 206 -4.74 -16.69 -18.05
C ILE B 206 -5.81 -16.99 -19.09
N GLN B 207 -6.44 -15.92 -19.58
CA GLN B 207 -7.48 -16.03 -20.59
C GLN B 207 -6.93 -15.69 -21.99
N PRO B 208 -6.94 -16.67 -22.92
CA PRO B 208 -6.51 -16.36 -24.29
C PRO B 208 -7.27 -15.15 -24.81
N GLY B 209 -6.55 -14.22 -25.46
CA GLY B 209 -7.15 -12.97 -25.93
C GLY B 209 -7.20 -11.86 -24.89
N ASN B 210 -6.70 -12.16 -23.69
CA ASN B 210 -6.54 -11.17 -22.64
C ASN B 210 -5.07 -11.22 -22.25
N PRO B 211 -4.32 -10.15 -22.54
CA PRO B 211 -2.91 -10.05 -22.16
C PRO B 211 -2.73 -9.63 -20.69
N ASN B 212 -3.86 -9.48 -19.99
CA ASN B 212 -3.83 -9.10 -18.58
C ASN B 212 -4.27 -10.31 -17.75
N TYR B 213 -3.34 -10.84 -16.94
CA TYR B 213 -3.59 -12.03 -16.11
C TYR B 213 -4.01 -11.62 -14.71
N THR B 214 -5.02 -12.29 -14.16
CA THR B 214 -5.52 -11.98 -12.81
C THR B 214 -4.80 -12.88 -11.80
N LEU B 215 -4.10 -12.25 -10.86
CA LEU B 215 -3.47 -13.00 -9.78
C LEU B 215 -4.27 -12.83 -8.49
N SER B 216 -4.77 -13.94 -7.96
CA SER B 216 -5.54 -13.93 -6.70
C SER B 216 -4.69 -14.56 -5.62
N LEU B 217 -4.56 -13.85 -4.50
CA LEU B 217 -3.70 -14.31 -3.41
C LEU B 217 -4.52 -14.47 -2.13
N LYS B 218 -4.28 -15.58 -1.44
CA LYS B 218 -4.89 -15.83 -0.14
C LYS B 218 -3.80 -16.21 0.84
N CYS B 219 -3.84 -15.61 2.02
CA CYS B 219 -2.79 -15.74 3.02
C CYS B 219 -3.47 -15.44 4.34
N ARG B 220 -3.02 -16.07 5.43
CA ARG B 220 -3.49 -15.70 6.76
C ARG B 220 -2.88 -14.42 7.32
N ALA B 221 -1.90 -13.87 6.58
CA ALA B 221 -1.41 -12.50 6.81
C ALA B 221 -1.57 -11.71 5.50
N PRO B 222 -2.81 -11.31 5.17
CA PRO B 222 -3.07 -10.72 3.84
C PRO B 222 -2.29 -9.43 3.59
N GLU B 223 -1.72 -8.84 4.63
CA GLU B 223 -0.91 -7.62 4.47
C GLU B 223 0.34 -7.86 3.63
N VAL B 224 0.81 -9.10 3.52
CA VAL B 224 1.99 -9.38 2.68
C VAL B 224 1.67 -9.35 1.18
N SER B 225 0.39 -9.44 0.82
CA SER B 225 -0.02 -9.74 -0.56
C SER B 225 0.52 -8.78 -1.63
N GLN B 226 0.40 -7.48 -1.40
CA GLN B 226 0.85 -6.49 -2.40
C GLN B 226 2.34 -6.68 -2.73
N TYR B 227 3.11 -7.05 -1.72
CA TYR B 227 4.56 -7.20 -1.87
C TYR B 227 4.88 -8.45 -2.69
N ILE B 228 4.08 -9.50 -2.51
CA ILE B 228 4.18 -10.72 -3.30
C ILE B 228 3.79 -10.42 -4.75
N TYR B 229 2.65 -9.76 -4.95
CA TYR B 229 2.27 -9.33 -6.28
C TYR B 229 3.40 -8.56 -6.99
N GLN B 230 4.02 -7.62 -6.27
CA GLN B 230 5.00 -6.74 -6.88
C GLN B 230 6.20 -7.51 -7.42
N VAL B 231 6.71 -8.44 -6.62
CA VAL B 231 7.87 -9.20 -7.06
C VAL B 231 7.50 -10.25 -8.11
N TYR B 232 6.29 -10.79 -7.99
CA TYR B 232 5.65 -11.65 -8.98
C TYR B 232 5.61 -10.95 -10.34
N ASP B 233 5.14 -9.69 -10.34
CA ASP B 233 5.09 -8.86 -11.54
C ASP B 233 6.48 -8.68 -12.15
N SER B 234 7.43 -8.28 -11.31
CA SER B 234 8.81 -8.07 -11.72
C SER B 234 9.44 -9.31 -12.36
N ILE B 235 9.14 -10.48 -11.80
CA ILE B 235 9.67 -11.75 -12.32
C ILE B 235 9.18 -11.99 -13.74
N LEU B 236 7.90 -11.73 -14.00
CA LEU B 236 7.31 -11.99 -15.31
C LEU B 236 7.62 -10.89 -16.33
N LYS B 237 8.10 -9.74 -15.87
CA LYS B 237 8.51 -8.66 -16.78
C LYS B 237 10.02 -8.68 -17.04
N ASN B 238 10.71 -9.65 -16.44
CA ASN B 238 12.15 -9.78 -16.55
C ASN B 238 12.58 -11.22 -16.85
N SER C 1 10.35 3.52 -7.76
CA SER C 1 10.28 2.57 -6.61
C SER C 1 9.53 3.17 -5.41
N PHE C 2 9.07 2.28 -4.51
CA PHE C 2 8.53 2.71 -3.21
C PHE C 2 9.01 1.83 -2.06
N GLY C 3 9.70 2.46 -1.12
CA GLY C 3 10.36 1.78 -0.01
C GLY C 3 11.88 1.63 -0.11
N ASP C 4 12.49 2.20 -1.15
CA ASP C 4 13.93 2.05 -1.41
C ASP C 4 14.70 3.33 -1.05
N GLY C 5 14.13 4.08 -0.10
CA GLY C 5 14.85 5.20 0.52
C GLY C 5 15.10 6.33 -0.45
N PHE C 6 16.32 6.84 -0.43
CA PHE C 6 16.78 7.89 -1.34
C PHE C 6 16.54 7.54 -2.81
N ALA C 7 16.54 6.26 -3.14
CA ALA C 7 16.34 5.82 -4.53
C ALA C 7 14.88 5.99 -5.02
N ASP C 8 13.96 6.24 -4.08
CA ASP C 8 12.57 6.57 -4.43
C ASP C 8 12.44 7.94 -5.10
N PHE C 9 13.42 8.81 -4.90
CA PHE C 9 13.32 10.23 -5.28
C PHE C 9 14.35 10.66 -6.33
S SO4 D . -1.50 0.89 -13.44
O1 SO4 D . -2.69 1.39 -12.73
O2 SO4 D . -1.16 1.76 -14.59
O3 SO4 D . -0.33 0.82 -12.58
O4 SO4 D . -1.83 -0.47 -13.92
S SO4 E . -16.50 15.97 -8.42
O1 SO4 E . -17.38 15.68 -7.29
O2 SO4 E . -16.87 17.27 -8.99
O3 SO4 E . -15.11 15.99 -7.98
O4 SO4 E . -16.65 14.92 -9.43
S SO4 F . 16.33 -22.11 0.78
O1 SO4 F . 15.11 -22.47 1.48
O2 SO4 F . 16.03 -21.71 -0.59
O3 SO4 F . 16.97 -21.00 1.50
O4 SO4 F . 17.25 -23.26 0.75
#